data_3HFH
#
_entry.id   3HFH
#
_cell.length_a   141.300
_cell.length_b   141.300
_cell.length_c   155.420
_cell.angle_alpha   90.00
_cell.angle_beta   90.00
_cell.angle_gamma   120.00
#
_symmetry.space_group_name_H-M   'P 6 2 2'
#
loop_
_entity.id
_entity.type
_entity.pdbx_description
1 polymer 'Transcription elongation regulator 1'
2 water water
#
_entity_poly.entity_id   1
_entity_poly.type   'polypeptide(L)'
_entity_poly.pdbx_seq_one_letter_code
;GPLGSAR(MSE)(MLY)QF(MLY)D(MSE)LLERGVSAFSTWE(MLY)ELH(MLY)IVFDPRYLLLNP(MLY)ER(MLY)
QVFDQYV(MLY)TRAEEERRE(MLY)(MLY)N(MLY)I(MSE)QA(MLY)EDF(MLY)(MLY)(MSE)(MSE)EEA
(MLY)FNPRATFSEFAA(MLY)HA(MLY)DSRF(MLY)AIE(MLY)(MSE)(MLY)DREALFNEFVAAAR(MLY)(MLY)
E(MLY)EDS(MLY)TRGE(MLY)I(MLY)SDFFELLSNHHLDSQSRWS(MLY)V(MLY)D(MLY)VESDPRY(MLY)AVD
SSS(MSE)REDLF(MLY)QYIE
;
_entity_poly.pdbx_strand_id   A,B
#
# COMPACT_ATOMS: atom_id res chain seq x y z
N PRO A 2 18.59 -3.85 -12.73
CA PRO A 2 18.18 -2.68 -11.94
C PRO A 2 16.75 -2.81 -11.43
N LEU A 3 16.51 -3.78 -10.55
CA LEU A 3 15.17 -4.00 -10.00
C LEU A 3 14.90 -3.08 -8.82
N GLY A 4 13.67 -2.56 -8.78
CA GLY A 4 13.27 -1.54 -7.83
C GLY A 4 14.07 -1.40 -6.54
N SER A 5 13.97 -2.41 -5.68
CA SER A 5 14.34 -2.25 -4.28
C SER A 5 15.32 -3.29 -3.78
N ALA A 6 16.07 -2.93 -2.76
CA ALA A 6 17.05 -3.82 -2.12
C ALA A 6 16.43 -5.15 -1.72
N ARG A 7 15.23 -5.05 -1.16
CA ARG A 7 14.45 -6.20 -0.71
C ARG A 7 14.31 -7.23 -1.86
N GLN A 10 17.43 -8.92 -3.13
CA GLN A 10 17.87 -10.01 -2.27
C GLN A 10 17.13 -11.28 -2.59
N PHE A 11 15.84 -11.15 -2.89
CA PHE A 11 15.03 -12.31 -3.20
C PHE A 11 15.59 -12.93 -4.50
N ASP A 13 18.53 -12.68 -5.83
CA ASP A 13 19.81 -13.30 -5.50
C ASP A 13 19.63 -14.70 -4.92
N LEU A 15 17.14 -16.74 -5.27
CA LEU A 15 16.67 -17.66 -6.31
C LEU A 15 17.87 -18.31 -7.05
N LEU A 16 18.81 -17.48 -7.47
CA LEU A 16 20.03 -17.94 -8.10
C LEU A 16 20.89 -18.85 -7.24
N GLU A 17 21.15 -18.42 -6.00
CA GLU A 17 22.10 -19.11 -5.13
C GLU A 17 21.59 -20.47 -4.72
N ARG A 18 20.27 -20.62 -4.76
CA ARG A 18 19.64 -21.82 -4.26
C ARG A 18 19.25 -22.73 -5.43
N GLY A 19 19.55 -22.27 -6.65
CA GLY A 19 19.45 -23.11 -7.82
C GLY A 19 18.04 -23.39 -8.28
N VAL A 20 17.16 -22.42 -8.11
CA VAL A 20 15.81 -22.56 -8.61
C VAL A 20 15.80 -22.62 -10.12
N SER A 21 15.10 -23.62 -10.65
CA SER A 21 15.06 -23.89 -12.07
C SER A 21 14.19 -22.88 -12.81
N ALA A 22 14.48 -22.71 -14.10
CA ALA A 22 13.64 -21.92 -14.97
C ALA A 22 12.60 -22.76 -15.69
N PHE A 23 12.60 -24.07 -15.46
CA PHE A 23 11.68 -24.97 -16.19
C PHE A 23 10.94 -25.83 -15.22
N SER A 24 10.06 -25.20 -14.43
CA SER A 24 9.40 -25.85 -13.32
C SER A 24 8.25 -24.98 -12.83
N THR A 25 7.51 -25.50 -11.85
CA THR A 25 6.46 -24.77 -11.15
C THR A 25 6.96 -24.11 -9.87
N TRP A 26 6.48 -22.92 -9.56
CA TRP A 26 6.71 -22.35 -8.25
C TRP A 26 6.46 -23.38 -7.12
N GLU A 27 5.33 -24.09 -7.18
CA GLU A 27 5.01 -25.07 -6.15
C GLU A 27 6.09 -26.14 -5.93
N GLU A 29 9.46 -25.62 -6.80
CA GLU A 29 10.75 -25.03 -6.51
C GLU A 29 10.75 -24.47 -5.10
N LEU A 30 9.56 -24.12 -4.60
CA LEU A 30 9.43 -23.56 -3.24
C LEU A 30 10.35 -24.19 -2.18
N HIS A 31 10.46 -25.52 -2.18
CA HIS A 31 11.29 -26.19 -1.18
C HIS A 31 12.75 -25.73 -1.18
N ILE A 33 13.77 -22.69 -1.42
CA ILE A 33 13.88 -21.33 -0.89
C ILE A 33 13.18 -21.04 0.45
N VAL A 34 12.17 -21.84 0.81
CA VAL A 34 11.23 -21.50 1.89
C VAL A 34 11.85 -21.35 3.28
N PHE A 35 13.03 -21.89 3.46
CA PHE A 35 13.68 -21.92 4.75
C PHE A 35 14.72 -20.81 4.81
N ASP A 36 14.81 -20.04 3.73
CA ASP A 36 15.83 -19.01 3.61
C ASP A 36 15.28 -17.66 4.08
N PRO A 37 15.95 -17.03 5.04
CA PRO A 37 15.46 -15.80 5.68
C PRO A 37 14.94 -14.76 4.69
N ARG A 38 15.53 -14.69 3.51
CA ARG A 38 15.13 -13.70 2.50
C ARG A 38 13.75 -13.97 1.90
N TYR A 39 13.24 -15.17 2.12
CA TYR A 39 11.94 -15.55 1.62
C TYR A 39 10.89 -14.70 2.33
N LEU A 40 11.23 -14.28 3.53
CA LEU A 40 10.30 -13.57 4.39
C LEU A 40 10.21 -12.09 4.03
N LEU A 41 10.98 -11.64 3.04
CA LEU A 41 11.04 -10.22 2.71
C LEU A 41 9.99 -9.76 1.72
N LEU A 42 9.28 -10.70 1.09
CA LEU A 42 8.26 -10.32 0.11
C LEU A 42 6.93 -10.98 0.44
N ASN A 43 5.83 -10.29 0.14
CA ASN A 43 4.51 -10.94 0.16
C ASN A 43 4.40 -11.82 -1.08
N PRO A 44 3.33 -12.62 -1.17
CA PRO A 44 3.12 -13.51 -2.31
C PRO A 44 3.14 -12.83 -3.68
N GLU A 46 4.57 -10.15 -4.63
CA GLU A 46 5.93 -9.72 -4.93
C GLU A 46 6.81 -10.94 -5.23
N ARG A 47 6.67 -11.98 -4.41
CA ARG A 47 7.38 -13.23 -4.67
C ARG A 47 7.14 -13.67 -6.12
N GLN A 49 6.08 -11.86 -8.73
CA GLN A 49 6.70 -10.93 -9.67
C GLN A 49 8.13 -11.35 -9.95
N VAL A 50 8.90 -11.47 -8.88
CA VAL A 50 10.34 -11.66 -8.99
C VAL A 50 10.69 -13.03 -9.56
N PHE A 51 9.87 -14.04 -9.26
CA PHE A 51 10.06 -15.40 -9.74
C PHE A 51 9.79 -15.45 -11.24
N ASP A 52 8.62 -14.98 -11.63
CA ASP A 52 8.22 -14.92 -13.03
C ASP A 52 9.29 -14.22 -13.88
N GLN A 53 9.85 -13.14 -13.34
CA GLN A 53 10.90 -12.42 -14.04
C GLN A 53 12.21 -13.21 -14.07
N TYR A 54 12.54 -13.86 -12.96
CA TYR A 54 13.77 -14.63 -12.88
C TYR A 54 13.76 -15.84 -13.81
N VAL A 55 12.58 -16.42 -13.98
CA VAL A 55 12.40 -17.62 -14.77
C VAL A 55 12.37 -17.28 -16.27
N THR A 57 13.65 -14.51 -17.63
CA THR A 57 14.95 -13.98 -17.95
C THR A 57 16.03 -15.07 -18.07
N ARG A 58 15.99 -16.07 -17.19
CA ARG A 58 17.03 -17.10 -17.18
C ARG A 58 16.88 -18.06 -18.37
N ALA A 59 15.64 -18.38 -18.73
CA ALA A 59 15.40 -19.30 -19.84
C ALA A 59 15.90 -18.65 -21.12
N GLU A 60 15.57 -17.37 -21.29
CA GLU A 60 15.99 -16.65 -22.47
C GLU A 60 17.51 -16.52 -22.54
N GLU A 61 18.16 -16.29 -21.40
CA GLU A 61 19.61 -16.19 -21.41
C GLU A 61 20.24 -17.52 -21.86
N GLU A 62 19.64 -18.63 -21.45
CA GLU A 62 20.18 -19.95 -21.76
C GLU A 62 19.92 -20.33 -23.22
N ARG A 63 18.67 -20.19 -23.65
CA ARG A 63 18.30 -20.37 -25.04
C ARG A 63 19.32 -19.65 -25.90
N ARG A 64 19.57 -18.40 -25.57
CA ARG A 64 20.47 -17.56 -26.36
C ARG A 64 21.94 -17.93 -26.25
N GLU A 65 22.42 -18.20 -25.04
CA GLU A 65 23.82 -18.58 -24.87
C GLU A 65 24.12 -19.73 -25.82
N ASN A 68 23.98 -18.52 -29.75
CA ASN A 68 25.13 -17.67 -30.05
C ASN A 68 26.46 -18.44 -30.03
N ILE A 70 26.66 -21.68 -31.04
CA ILE A 70 26.61 -22.43 -32.29
C ILE A 70 26.95 -21.52 -33.48
N GLN A 72 28.45 -18.72 -33.51
CA GLN A 72 29.82 -18.23 -33.36
C GLN A 72 30.86 -19.27 -33.78
N ALA A 73 30.55 -20.55 -33.56
CA ALA A 73 31.47 -21.63 -33.90
C ALA A 73 31.57 -21.79 -35.40
N GLU A 75 30.77 -19.20 -37.69
CA GLU A 75 31.38 -17.97 -38.18
C GLU A 75 32.89 -17.94 -38.00
N ASP A 76 33.42 -18.80 -37.14
CA ASP A 76 34.87 -18.85 -36.95
C ASP A 76 35.47 -20.00 -37.76
N PHE A 77 34.75 -21.12 -37.83
CA PHE A 77 35.10 -22.22 -38.70
C PHE A 77 35.06 -21.73 -40.14
N SER A 103 42.59 -24.68 -34.37
CA SER A 103 41.99 -24.38 -33.06
C SER A 103 40.55 -23.87 -33.17
N ARG A 104 40.23 -23.24 -34.30
CA ARG A 104 38.84 -22.95 -34.64
C ARG A 104 38.28 -24.18 -35.34
N PHE A 105 39.15 -25.16 -35.58
CA PHE A 105 38.80 -26.43 -36.21
C PHE A 105 38.33 -27.43 -35.16
N ALA A 107 37.03 -26.67 -32.32
CA ALA A 107 35.77 -26.15 -31.76
C ALA A 107 34.53 -26.97 -32.13
N ILE A 108 34.43 -27.37 -33.39
CA ILE A 108 33.34 -28.24 -33.85
C ILE A 108 33.64 -29.69 -33.46
N GLU A 109 32.63 -30.39 -32.97
CA GLU A 109 32.78 -31.77 -32.52
C GLU A 109 32.58 -32.76 -33.67
N ASP A 113 29.90 -33.47 -38.36
CA ASP A 113 29.40 -32.10 -38.34
C ASP A 113 30.32 -31.12 -39.06
N ARG A 114 31.63 -31.24 -38.83
CA ARG A 114 32.57 -30.30 -39.42
C ARG A 114 32.92 -30.66 -40.85
N GLU A 115 32.02 -31.37 -41.52
CA GLU A 115 32.20 -31.62 -42.94
C GLU A 115 30.95 -31.27 -43.74
N ALA A 116 29.79 -31.36 -43.13
CA ALA A 116 28.59 -30.82 -43.78
C ALA A 116 28.73 -29.30 -43.80
N LEU A 117 29.79 -28.82 -43.15
CA LEU A 117 30.14 -27.39 -43.15
C LEU A 117 31.31 -27.07 -44.08
N PHE A 118 32.36 -27.87 -44.05
CA PHE A 118 33.49 -27.72 -44.97
C PHE A 118 33.00 -27.88 -46.40
N ASN A 119 31.78 -28.38 -46.54
CA ASN A 119 31.14 -28.47 -47.82
C ASN A 119 30.00 -27.47 -47.94
N GLU A 120 29.74 -26.74 -46.87
CA GLU A 120 28.84 -25.60 -46.92
C GLU A 120 29.57 -24.47 -47.62
N PHE A 121 30.83 -24.26 -47.24
CA PHE A 121 31.60 -23.13 -47.72
C PHE A 121 32.03 -23.33 -49.15
N VAL A 122 32.69 -24.45 -49.41
CA VAL A 122 33.20 -24.75 -50.74
C VAL A 122 32.07 -24.89 -51.76
N ALA A 123 30.98 -25.55 -51.38
CA ALA A 123 29.83 -25.70 -52.28
C ALA A 123 28.95 -24.45 -52.31
N ALA A 124 29.42 -23.37 -51.69
CA ALA A 124 28.78 -22.06 -51.80
C ALA A 124 29.77 -21.01 -52.30
N ALA A 125 31.05 -21.38 -52.32
CA ALA A 125 32.12 -20.52 -52.82
C ALA A 125 32.32 -20.73 -54.32
N ARG A 126 31.91 -21.90 -54.80
CA ARG A 126 31.82 -22.15 -56.23
C ARG A 126 30.48 -21.66 -56.76
N GLU A 129 30.21 -18.10 -58.18
CA GLU A 129 30.97 -17.87 -59.40
C GLU A 129 30.18 -18.31 -60.61
N GLU A 131 27.82 -17.13 -60.45
CA GLU A 131 27.28 -15.80 -60.27
C GLU A 131 28.32 -14.76 -60.69
N ASP A 132 29.44 -14.71 -59.96
CA ASP A 132 30.44 -13.65 -60.11
C ASP A 132 31.07 -13.56 -61.50
N SER A 133 31.20 -14.69 -62.19
CA SER A 133 31.77 -14.70 -63.52
C SER A 133 30.71 -14.37 -64.58
N THR A 135 27.78 -12.01 -63.59
CA THR A 135 27.40 -10.63 -63.28
C THR A 135 28.48 -9.68 -63.80
N ARG A 136 29.74 -10.07 -63.62
CA ARG A 136 30.84 -9.27 -64.15
C ARG A 136 30.95 -9.54 -65.64
N GLY A 137 30.49 -10.71 -66.05
CA GLY A 137 30.46 -11.08 -67.45
C GLY A 137 29.67 -10.08 -68.27
N GLU A 138 28.34 -10.13 -68.12
CA GLU A 138 27.46 -9.20 -68.82
C GLU A 138 27.90 -7.76 -68.59
N ILE A 140 31.20 -6.48 -68.39
CA ILE A 140 32.21 -6.13 -69.38
C ILE A 140 31.53 -5.74 -70.69
N SER A 142 28.11 -4.89 -71.33
CA SER A 142 27.26 -3.70 -71.22
C SER A 142 28.07 -2.44 -71.05
N ASP A 143 29.21 -2.56 -70.37
CA ASP A 143 30.10 -1.41 -70.20
C ASP A 143 30.74 -1.03 -71.52
N PHE A 144 30.89 -2.00 -72.42
CA PHE A 144 31.50 -1.73 -73.71
C PHE A 144 30.46 -1.08 -74.61
N PHE A 145 29.21 -1.51 -74.47
CA PHE A 145 28.12 -0.88 -75.17
C PHE A 145 27.91 0.52 -74.62
N GLU A 146 27.91 0.65 -73.31
CA GLU A 146 27.74 1.97 -72.74
C GLU A 146 28.89 2.85 -73.20
N LEU A 147 30.09 2.29 -73.23
CA LEU A 147 31.22 3.05 -73.73
C LEU A 147 30.91 3.54 -75.12
N LEU A 148 30.43 2.64 -75.97
CA LEU A 148 30.17 2.97 -77.36
C LEU A 148 29.07 4.02 -77.49
N SER A 149 28.03 3.88 -76.69
CA SER A 149 26.90 4.80 -76.74
C SER A 149 27.23 6.22 -76.31
N ASN A 150 28.44 6.44 -75.82
CA ASN A 150 28.85 7.81 -75.49
C ASN A 150 29.15 8.49 -76.80
N HIS A 151 29.28 7.69 -77.85
CA HIS A 151 29.63 8.21 -79.16
C HIS A 151 28.47 8.06 -80.14
N HIS A 152 28.53 8.80 -81.25
CA HIS A 152 27.49 8.75 -82.26
C HIS A 152 27.89 7.76 -83.34
N LEU A 153 27.23 6.61 -83.34
CA LEU A 153 27.60 5.51 -84.22
C LEU A 153 26.41 5.01 -85.02
N ASP A 154 26.66 4.52 -86.21
CA ASP A 154 25.64 3.93 -87.04
C ASP A 154 26.22 2.81 -87.90
N SER A 155 25.48 2.36 -88.90
CA SER A 155 25.97 1.29 -89.77
C SER A 155 27.22 1.67 -90.57
N GLN A 156 27.30 2.94 -90.99
CA GLN A 156 28.44 3.44 -91.74
C GLN A 156 29.72 3.49 -90.90
N SER A 157 29.56 3.49 -89.58
CA SER A 157 30.68 3.55 -88.64
C SER A 157 31.70 2.45 -88.91
N ARG A 158 32.98 2.78 -88.73
CA ARG A 158 34.05 1.84 -89.04
C ARG A 158 35.00 1.66 -87.86
N TRP A 159 35.15 0.42 -87.41
CA TRP A 159 35.96 0.13 -86.23
C TRP A 159 37.35 0.76 -86.26
N SER A 160 37.93 0.84 -87.45
CA SER A 160 39.24 1.47 -87.59
C SER A 160 39.19 2.86 -86.95
N VAL A 162 36.86 4.28 -85.14
CA VAL A 162 36.21 4.32 -83.82
C VAL A 162 37.14 3.87 -82.69
N ASP A 164 40.19 4.27 -82.18
CA ASP A 164 41.06 5.35 -81.70
C ASP A 164 40.38 6.31 -80.72
N VAL A 166 38.16 5.52 -78.42
CA VAL A 166 37.81 4.90 -77.14
C VAL A 166 38.87 3.97 -76.52
N GLU A 167 40.10 3.99 -77.05
CA GLU A 167 41.11 3.02 -76.60
C GLU A 167 41.70 3.34 -75.21
N SER A 168 41.64 4.60 -74.80
CA SER A 168 42.14 4.98 -73.49
C SER A 168 41.22 4.45 -72.39
N ASP A 169 39.94 4.41 -72.68
CA ASP A 169 38.90 4.15 -71.68
C ASP A 169 38.99 2.74 -71.08
N PRO A 170 38.77 2.63 -69.76
CA PRO A 170 38.78 1.39 -68.96
C PRO A 170 37.69 0.37 -69.28
N ARG A 171 36.55 0.80 -69.81
CA ARG A 171 35.49 -0.13 -70.20
C ARG A 171 35.89 -0.88 -71.48
N TYR A 172 36.93 -0.36 -72.14
CA TYR A 172 37.49 -0.92 -73.36
C TYR A 172 38.61 -1.90 -73.01
N ALA A 174 39.03 -3.41 -70.49
CA ALA A 174 38.44 -4.53 -69.75
C ALA A 174 38.13 -5.73 -70.64
N VAL A 175 37.76 -5.48 -71.89
CA VAL A 175 37.58 -6.55 -72.88
C VAL A 175 38.95 -7.02 -73.37
N ASP A 176 39.37 -8.21 -72.95
CA ASP A 176 40.77 -8.62 -73.11
C ASP A 176 41.12 -9.20 -74.48
N SER A 177 40.15 -9.23 -75.38
CA SER A 177 40.37 -9.78 -76.72
C SER A 177 40.21 -8.74 -77.83
N SER A 178 41.31 -8.35 -78.44
CA SER A 178 41.27 -7.32 -79.48
C SER A 178 40.23 -7.68 -80.53
N SER A 179 40.06 -8.98 -80.77
CA SER A 179 39.12 -9.46 -81.77
C SER A 179 37.70 -9.41 -81.26
N ARG A 181 36.52 -7.32 -79.05
CA ARG A 181 36.11 -5.93 -79.11
C ARG A 181 35.46 -5.70 -80.47
N GLU A 182 36.17 -6.03 -81.54
CA GLU A 182 35.63 -5.83 -82.88
C GLU A 182 34.27 -6.49 -83.04
N ASP A 183 34.16 -7.77 -82.69
CA ASP A 183 32.87 -8.46 -82.75
C ASP A 183 31.76 -7.68 -82.04
N LEU A 184 32.01 -7.20 -80.82
CA LEU A 184 30.99 -6.46 -80.08
C LEU A 184 30.54 -5.22 -80.84
N PHE A 185 31.50 -4.44 -81.30
CA PHE A 185 31.21 -3.24 -82.05
C PHE A 185 30.40 -3.60 -83.28
N GLN A 187 28.29 -6.16 -83.38
CA GLN A 187 26.97 -6.46 -82.81
C GLN A 187 26.20 -5.17 -82.59
N TYR A 188 26.89 -4.20 -82.02
CA TYR A 188 26.29 -2.94 -81.63
C TYR A 188 25.86 -2.12 -82.85
N ILE A 189 26.44 -2.45 -84.01
CA ILE A 189 26.22 -1.66 -85.22
C ILE A 189 25.21 -2.32 -86.17
N GLU A 190 24.83 -3.55 -85.84
CA GLU A 190 23.90 -4.33 -86.65
C GLU A 190 22.46 -3.85 -86.52
N GLY B 1 -11.47 -1.01 12.51
CA GLY B 1 -12.00 -0.74 11.18
C GLY B 1 -11.49 -1.70 10.12
N PRO B 2 -12.40 -2.26 9.31
CA PRO B 2 -12.04 -3.31 8.34
C PRO B 2 -10.87 -2.92 7.45
N LEU B 3 -9.76 -3.65 7.54
CA LEU B 3 -8.65 -3.47 6.61
C LEU B 3 -9.02 -4.16 5.30
N GLY B 4 -8.62 -3.55 4.19
CA GLY B 4 -9.15 -3.94 2.90
C GLY B 4 -8.30 -4.96 2.19
N SER B 5 -7.78 -5.93 2.94
CA SER B 5 -7.05 -7.04 2.33
C SER B 5 -7.25 -8.36 3.07
N ALA B 6 -7.65 -9.38 2.33
CA ALA B 6 -7.80 -10.72 2.89
C ALA B 6 -6.52 -11.29 3.55
N ARG B 7 -5.35 -11.05 2.95
CA ARG B 7 -4.08 -11.47 3.53
C ARG B 7 -3.93 -10.89 4.93
N GLN B 10 -6.04 -12.25 7.72
CA GLN B 10 -5.46 -13.47 8.25
C GLN B 10 -4.34 -13.18 9.22
N PHE B 11 -3.47 -12.24 8.86
CA PHE B 11 -2.38 -11.87 9.74
C PHE B 11 -2.96 -11.30 11.03
N ASP B 13 -5.82 -11.83 12.37
CA ASP B 13 -6.34 -12.98 13.08
C ASP B 13 -5.26 -13.87 13.74
N LEU B 15 -2.31 -13.01 14.89
CA LEU B 15 -1.80 -12.26 16.01
C LEU B 15 -2.60 -12.59 17.28
N LEU B 16 -3.91 -12.70 17.14
CA LEU B 16 -4.79 -12.99 18.26
C LEU B 16 -4.80 -14.47 18.60
N GLU B 17 -4.83 -15.32 17.59
CA GLU B 17 -4.85 -16.76 17.84
C GLU B 17 -3.54 -17.29 18.43
N ARG B 18 -2.44 -16.59 18.19
CA ARG B 18 -1.14 -16.97 18.75
C ARG B 18 -0.84 -16.25 20.07
N GLY B 19 -1.78 -15.45 20.54
CA GLY B 19 -1.66 -14.78 21.82
C GLY B 19 -0.60 -13.71 21.90
N VAL B 20 -0.37 -13.01 20.79
CA VAL B 20 0.56 -11.89 20.80
C VAL B 20 0.07 -10.81 21.75
N SER B 21 1.01 -10.31 22.55
CA SER B 21 0.70 -9.37 23.61
C SER B 21 0.70 -7.93 23.10
N ALA B 22 -0.24 -7.15 23.61
CA ALA B 22 -0.34 -5.76 23.25
C ALA B 22 0.50 -4.90 24.19
N PHE B 23 1.27 -5.56 25.06
CA PHE B 23 2.06 -4.84 26.05
C PHE B 23 3.48 -5.32 26.02
N SER B 24 3.97 -5.56 24.82
CA SER B 24 5.30 -6.08 24.67
C SER B 24 5.54 -5.66 23.25
N THR B 25 6.66 -6.15 22.71
CA THR B 25 7.51 -5.62 21.66
C THR B 25 7.47 -6.58 20.47
N TRP B 26 7.69 -6.07 19.26
CA TRP B 26 7.71 -6.94 18.09
C TRP B 26 8.78 -8.02 18.22
N GLU B 27 10.02 -7.61 18.45
CA GLU B 27 11.11 -8.56 18.52
C GLU B 27 10.87 -9.63 19.56
N GLU B 29 7.83 -10.80 20.67
CA GLU B 29 6.67 -11.66 20.41
C GLU B 29 6.86 -12.49 19.13
N LEU B 30 7.89 -12.20 18.36
CA LEU B 30 8.09 -12.84 17.07
C LEU B 30 8.09 -14.36 17.16
N HIS B 31 8.74 -14.90 18.18
CA HIS B 31 8.85 -16.34 18.27
C HIS B 31 7.46 -16.96 18.32
N ILE B 33 4.95 -16.22 16.30
CA ILE B 33 4.19 -16.17 15.05
C ILE B 33 4.94 -16.69 13.85
N VAL B 34 6.27 -16.72 13.96
CA VAL B 34 7.12 -16.94 12.79
C VAL B 34 6.88 -18.30 12.12
N PHE B 35 6.58 -19.31 12.90
CA PHE B 35 6.31 -20.64 12.35
C PHE B 35 4.92 -20.70 11.69
N ASP B 36 4.06 -19.73 11.95
CA ASP B 36 2.69 -19.78 11.47
C ASP B 36 2.60 -19.38 9.97
N PRO B 37 1.96 -20.21 9.14
CA PRO B 37 1.90 -20.00 7.68
C PRO B 37 1.50 -18.58 7.32
N ARG B 38 0.58 -18.02 8.10
CA ARG B 38 0.07 -16.70 7.76
C ARG B 38 1.15 -15.62 7.88
N TYR B 39 2.20 -15.90 8.63
CA TYR B 39 3.38 -15.02 8.65
C TYR B 39 3.94 -14.72 7.25
N LEU B 40 3.79 -15.66 6.32
CA LEU B 40 4.39 -15.51 4.99
C LEU B 40 3.54 -14.67 4.07
N LEU B 41 2.37 -14.24 4.54
CA LEU B 41 1.42 -13.54 3.68
C LEU B 41 1.67 -12.04 3.55
N LEU B 42 2.64 -11.52 4.31
CA LEU B 42 2.96 -10.10 4.27
C LEU B 42 4.46 -9.82 4.25
N ASN B 43 4.84 -8.73 3.61
CA ASN B 43 6.22 -8.28 3.68
C ASN B 43 6.42 -7.53 4.99
N PRO B 44 7.67 -7.24 5.33
CA PRO B 44 7.99 -6.53 6.56
C PRO B 44 7.18 -5.25 6.80
N GLU B 46 4.24 -4.40 5.79
CA GLU B 46 2.85 -4.75 6.05
C GLU B 46 2.73 -5.37 7.45
N ARG B 47 3.65 -6.27 7.77
CA ARG B 47 3.74 -6.87 9.11
C ARG B 47 3.72 -5.77 10.18
N GLN B 49 2.72 -2.63 10.04
CA GLN B 49 1.46 -1.92 10.10
C GLN B 49 0.38 -2.71 10.84
N VAL B 50 0.17 -3.96 10.47
CA VAL B 50 -0.91 -4.73 11.07
C VAL B 50 -0.64 -5.01 12.53
N PHE B 51 0.61 -5.30 12.85
CA PHE B 51 1.04 -5.39 14.23
C PHE B 51 0.74 -4.11 15.04
N ASP B 52 1.27 -2.97 14.60
CA ASP B 52 1.07 -1.71 15.30
C ASP B 52 -0.41 -1.44 15.57
N GLN B 53 -1.24 -1.72 14.57
CA GLN B 53 -2.67 -1.49 14.72
C GLN B 53 -3.29 -2.45 15.73
N TYR B 54 -2.77 -3.66 15.80
CA TYR B 54 -3.28 -4.69 16.70
C TYR B 54 -2.90 -4.36 18.13
N VAL B 55 -1.67 -3.89 18.29
CA VAL B 55 -1.19 -3.53 19.61
C VAL B 55 -1.97 -2.30 20.13
N THR B 57 -4.81 -1.21 19.31
CA THR B 57 -6.24 -1.51 19.51
C THR B 57 -6.51 -2.43 20.70
N ARG B 58 -5.74 -3.52 20.84
CA ARG B 58 -5.91 -4.42 21.98
C ARG B 58 -5.56 -3.75 23.32
N ALA B 59 -4.54 -2.89 23.35
CA ALA B 59 -4.23 -2.20 24.57
C ALA B 59 -5.37 -1.28 24.93
N GLU B 60 -5.86 -0.54 23.95
CA GLU B 60 -6.91 0.44 24.22
C GLU B 60 -8.19 -0.24 24.71
N GLU B 61 -8.57 -1.36 24.12
CA GLU B 61 -9.80 -2.04 24.52
C GLU B 61 -9.63 -2.66 25.90
N GLU B 62 -8.39 -2.96 26.27
CA GLU B 62 -8.17 -3.60 27.55
C GLU B 62 -8.31 -2.56 28.67
N ARG B 63 -7.59 -1.45 28.51
CA ARG B 63 -7.66 -0.39 29.50
C ARG B 63 -9.10 0.08 29.64
N ARG B 64 -9.74 0.34 28.51
CA ARG B 64 -11.11 0.81 28.50
C ARG B 64 -12.08 -0.22 29.10
N GLU B 65 -11.82 -1.50 28.93
CA GLU B 65 -12.72 -2.52 29.47
C GLU B 65 -12.61 -2.57 30.98
N ASN B 68 -14.08 0.62 32.50
CA ASN B 68 -15.54 0.55 32.41
C ASN B 68 -16.15 -0.30 33.50
N ILE B 70 -15.20 -0.88 36.48
CA ILE B 70 -15.16 -0.15 37.74
C ILE B 70 -16.16 0.99 37.73
N GLN B 72 -18.94 1.10 35.91
CA GLN B 72 -20.27 0.53 35.86
C GLN B 72 -20.69 0.05 37.25
N ALA B 73 -19.74 -0.50 38.00
CA ALA B 73 -20.03 -1.03 39.34
C ALA B 73 -20.28 0.09 40.32
N GLU B 75 -21.48 3.08 39.40
CA GLU B 75 -22.76 3.62 38.97
C GLU B 75 -23.94 2.79 39.44
N ASP B 76 -23.81 1.47 39.34
CA ASP B 76 -24.88 0.60 39.81
C ASP B 76 -25.12 0.81 41.30
N PHE B 77 -24.03 0.77 42.06
CA PHE B 77 -24.05 1.04 43.48
C PHE B 77 -24.75 2.38 43.70
N GLU B 82 -30.14 5.59 44.97
CA GLU B 82 -31.10 6.58 44.48
C GLU B 82 -32.50 5.98 44.41
N GLU B 83 -32.59 4.68 44.62
CA GLU B 83 -33.88 3.98 44.64
C GLU B 83 -34.49 3.95 46.04
N ALA B 84 -33.67 4.20 47.06
CA ALA B 84 -34.13 4.27 48.44
C ALA B 84 -34.08 5.71 48.99
N PHE B 86 -33.17 9.06 50.77
CA PHE B 86 -31.80 9.53 50.93
C PHE B 86 -31.18 9.10 52.26
N ASN B 87 -31.40 9.87 53.31
CA ASN B 87 -30.88 9.52 54.63
C ASN B 87 -29.39 9.71 54.92
N PRO B 88 -28.84 10.88 54.56
CA PRO B 88 -27.45 11.20 54.89
C PRO B 88 -27.14 10.70 56.27
N ARG B 89 -28.13 10.89 57.12
CA ARG B 89 -28.13 10.44 58.49
C ARG B 89 -27.42 9.09 58.65
N ALA B 90 -27.74 8.12 57.79
CA ALA B 90 -27.46 6.69 58.05
C ALA B 90 -26.04 6.27 58.48
N THR B 91 -26.02 5.16 59.20
CA THR B 91 -24.81 4.55 59.71
C THR B 91 -24.40 3.48 58.70
N PHE B 92 -23.12 3.14 58.60
CA PHE B 92 -22.78 2.14 57.60
C PHE B 92 -23.43 0.78 57.84
N SER B 93 -23.47 0.35 59.10
CA SER B 93 -24.09 -0.92 59.41
C SER B 93 -25.61 -0.92 59.12
N GLU B 94 -26.24 0.25 59.22
CA GLU B 94 -27.65 0.37 58.86
C GLU B 94 -27.84 0.25 57.35
N PHE B 95 -27.00 0.98 56.61
CA PHE B 95 -26.97 0.95 55.15
C PHE B 95 -26.66 -0.45 54.64
N ALA B 96 -25.67 -1.08 55.26
CA ALA B 96 -25.34 -2.47 54.96
C ALA B 96 -26.51 -3.42 55.24
N ALA B 97 -27.31 -3.12 56.25
CA ALA B 97 -28.44 -3.99 56.56
C ALA B 97 -29.55 -3.88 55.52
N HIS B 99 -29.21 -3.00 52.26
CA HIS B 99 -28.73 -3.38 50.94
C HIS B 99 -27.92 -4.68 50.92
N ALA B 100 -27.98 -5.46 51.99
CA ALA B 100 -27.02 -6.55 52.18
C ALA B 100 -27.23 -7.69 51.19
N ASP B 102 -28.64 -7.17 48.16
CA ASP B 102 -28.62 -6.57 46.83
C ASP B 102 -27.29 -6.84 46.10
N SER B 103 -27.37 -7.21 44.83
CA SER B 103 -26.19 -7.58 44.06
C SER B 103 -25.27 -6.42 43.65
N ARG B 104 -25.82 -5.23 43.47
CA ARG B 104 -24.97 -4.08 43.21
C ARG B 104 -24.12 -3.78 44.44
N PHE B 105 -24.62 -4.19 45.60
CA PHE B 105 -23.90 -4.04 46.86
C PHE B 105 -22.81 -5.10 46.98
N ALA B 107 -21.59 -6.69 44.52
CA ALA B 107 -20.69 -6.55 43.38
C ALA B 107 -19.36 -5.93 43.78
N ILE B 108 -19.38 -5.00 44.72
CA ILE B 108 -18.12 -4.44 45.22
C ILE B 108 -17.47 -5.40 46.21
N GLU B 109 -16.29 -5.88 45.89
CA GLU B 109 -15.66 -6.95 46.64
C GLU B 109 -15.45 -6.68 48.14
N ASP B 113 -14.51 -0.69 50.48
CA ASP B 113 -14.88 0.04 49.28
C ASP B 113 -16.39 0.30 49.23
N ARG B 114 -17.19 -0.61 49.78
CA ARG B 114 -18.60 -0.34 49.87
C ARG B 114 -18.76 0.91 50.72
N GLU B 115 -18.10 0.95 51.87
CA GLU B 115 -18.26 2.07 52.79
C GLU B 115 -17.75 3.38 52.14
N ALA B 116 -16.64 3.29 51.40
CA ALA B 116 -16.08 4.47 50.73
C ALA B 116 -17.03 5.06 49.68
N LEU B 117 -17.56 4.20 48.81
CA LEU B 117 -18.63 4.57 47.90
C LEU B 117 -19.84 5.16 48.64
N PHE B 118 -20.33 4.46 49.65
CA PHE B 118 -21.39 4.98 50.50
C PHE B 118 -21.06 6.37 51.06
N ASN B 119 -19.90 6.52 51.69
CA ASN B 119 -19.48 7.83 52.22
C ASN B 119 -19.42 8.93 51.18
N GLU B 120 -18.86 8.64 50.02
CA GLU B 120 -18.66 9.67 49.02
C GLU B 120 -19.97 10.09 48.37
N PHE B 121 -20.87 9.15 48.16
CA PHE B 121 -22.13 9.47 47.48
C PHE B 121 -23.00 10.33 48.36
N VAL B 122 -23.07 9.97 49.64
CA VAL B 122 -23.73 10.81 50.62
C VAL B 122 -23.14 12.22 50.59
N ALA B 123 -21.82 12.32 50.76
CA ALA B 123 -21.14 13.62 50.79
C ALA B 123 -21.37 14.43 49.53
N ALA B 124 -21.56 13.75 48.40
CA ALA B 124 -21.80 14.46 47.15
C ALA B 124 -23.27 14.83 47.03
N ALA B 125 -24.14 14.04 47.66
CA ALA B 125 -25.57 14.32 47.64
C ALA B 125 -25.89 15.47 48.60
N ARG B 126 -25.37 15.39 49.83
CA ARG B 126 -25.47 16.49 50.77
C ARG B 126 -24.89 17.79 50.19
N GLU B 129 -27.45 18.98 47.69
CA GLU B 129 -28.70 19.49 48.26
C GLU B 129 -28.50 20.94 48.69
N GLU B 131 -26.20 23.25 47.75
CA GLU B 131 -26.05 24.13 46.61
C GLU B 131 -27.36 24.31 45.82
N ASP B 132 -28.25 23.34 45.92
CA ASP B 132 -29.53 23.40 45.20
C ASP B 132 -30.60 24.17 45.95
N SER B 133 -30.73 23.91 47.25
CA SER B 133 -31.80 24.51 48.04
C SER B 133 -31.49 25.97 48.35
N THR B 135 -30.13 27.92 45.82
CA THR B 135 -30.33 28.65 44.57
C THR B 135 -31.84 28.67 44.30
N ARG B 136 -32.56 27.79 44.98
CA ARG B 136 -34.01 27.89 45.02
C ARG B 136 -34.38 29.03 45.96
N GLY B 137 -33.67 29.13 47.08
CA GLY B 137 -33.89 30.23 48.00
C GLY B 137 -33.75 31.57 47.30
N GLU B 138 -32.60 31.76 46.64
CA GLU B 138 -32.35 32.98 45.90
C GLU B 138 -33.38 33.17 44.79
N ILE B 140 -36.68 31.94 44.92
CA ILE B 140 -37.94 32.28 45.57
C ILE B 140 -37.94 33.77 45.87
N SER B 142 -35.92 36.16 44.73
CA SER B 142 -35.83 36.88 43.47
C SER B 142 -37.19 37.01 42.78
N ASP B 143 -37.92 35.91 42.70
CA ASP B 143 -39.26 35.92 42.10
C ASP B 143 -40.19 36.87 42.84
N PHE B 144 -40.12 36.83 44.17
CA PHE B 144 -41.00 37.63 45.01
C PHE B 144 -40.79 39.12 44.74
N PHE B 145 -39.54 39.53 44.72
CA PHE B 145 -39.24 40.90 44.34
C PHE B 145 -39.80 41.20 42.96
N GLU B 146 -39.49 40.38 41.97
CA GLU B 146 -40.04 40.59 40.64
C GLU B 146 -41.54 40.88 40.71
N LEU B 147 -42.27 40.07 41.48
CA LEU B 147 -43.71 40.25 41.62
C LEU B 147 -43.99 41.66 42.15
N LEU B 148 -43.33 42.03 43.24
CA LEU B 148 -43.53 43.35 43.82
C LEU B 148 -43.19 44.45 42.80
N SER B 149 -42.09 44.27 42.06
CA SER B 149 -41.65 45.25 41.09
C SER B 149 -42.77 45.71 40.15
N ASN B 150 -43.82 44.91 40.07
CA ASN B 150 -44.92 45.23 39.17
C ASN B 150 -45.90 46.21 39.81
N HIS B 151 -45.78 46.43 41.11
CA HIS B 151 -46.66 47.38 41.78
C HIS B 151 -45.87 48.61 42.23
N HIS B 152 -46.54 49.74 42.23
CA HIS B 152 -45.86 50.99 42.47
C HIS B 152 -45.65 51.18 43.95
N LEU B 153 -44.55 50.63 44.46
CA LEU B 153 -44.26 50.68 45.89
C LEU B 153 -43.21 51.73 46.22
N ASP B 154 -43.37 52.36 47.38
CA ASP B 154 -42.37 53.27 47.89
C ASP B 154 -42.30 53.05 49.39
N SER B 155 -41.79 54.01 50.14
CA SER B 155 -41.65 53.81 51.56
C SER B 155 -42.98 53.95 52.30
N GLN B 156 -43.90 54.73 51.72
CA GLN B 156 -45.26 54.83 52.25
C GLN B 156 -45.96 53.48 52.31
N SER B 157 -46.26 52.95 51.13
CA SER B 157 -47.09 51.74 50.96
C SER B 157 -47.09 50.75 52.14
N ARG B 158 -48.26 50.19 52.41
CA ARG B 158 -48.43 49.30 53.54
C ARG B 158 -48.64 47.88 53.07
N TRP B 159 -47.98 46.94 53.74
CA TRP B 159 -48.15 45.53 53.42
C TRP B 159 -49.60 45.09 53.58
N SER B 160 -50.30 45.67 54.55
CA SER B 160 -51.72 45.36 54.76
C SER B 160 -52.45 45.51 53.43
N VAL B 162 -50.89 46.02 50.08
CA VAL B 162 -50.27 45.30 48.96
C VAL B 162 -50.59 43.81 48.95
N ASP B 164 -53.26 42.09 49.69
CA ASP B 164 -54.53 41.76 49.05
C ASP B 164 -54.49 41.99 47.53
N VAL B 166 -51.53 40.84 45.62
CA VAL B 166 -50.55 39.92 45.07
C VAL B 166 -50.70 38.51 45.62
N GLU B 167 -51.68 38.31 46.49
CA GLU B 167 -51.79 37.04 47.22
C GLU B 167 -52.13 35.82 46.35
N SER B 168 -52.45 36.05 45.07
CA SER B 168 -52.81 34.97 44.15
C SER B 168 -51.62 34.44 43.36
N ASP B 169 -50.60 35.28 43.19
CA ASP B 169 -49.45 34.94 42.38
C ASP B 169 -48.75 33.67 42.87
N PRO B 170 -48.19 32.89 41.94
CA PRO B 170 -47.44 31.69 42.34
C PRO B 170 -46.12 32.07 42.99
N ARG B 171 -45.72 33.33 42.84
CA ARG B 171 -44.45 33.78 43.41
C ARG B 171 -44.64 34.26 44.84
N TYR B 172 -45.89 34.55 45.20
CA TYR B 172 -46.24 34.93 46.56
C TYR B 172 -46.44 33.69 47.39
N ALA B 174 -45.23 30.91 46.73
CA ALA B 174 -43.96 30.19 46.72
C ALA B 174 -43.07 30.46 47.93
N VAL B 175 -43.44 31.45 48.74
CA VAL B 175 -42.76 31.69 50.01
C VAL B 175 -43.61 31.06 51.10
N ASP B 176 -43.10 30.02 51.74
CA ASP B 176 -43.92 29.17 52.61
C ASP B 176 -44.34 29.83 53.93
N SER B 177 -44.08 31.12 54.09
CA SER B 177 -44.41 31.79 55.34
C SER B 177 -44.92 33.22 55.17
N SER B 178 -45.74 33.66 56.13
CA SER B 178 -46.29 35.02 56.12
C SER B 178 -45.35 36.03 56.78
N SER B 179 -44.74 35.63 57.89
CA SER B 179 -43.78 36.48 58.57
C SER B 179 -42.69 36.95 57.61
N ARG B 181 -42.80 36.75 54.01
CA ARG B 181 -43.27 37.54 52.88
C ARG B 181 -43.28 39.01 53.30
N GLU B 182 -43.53 39.25 54.57
CA GLU B 182 -43.62 40.61 55.07
C GLU B 182 -42.25 41.24 55.20
N ASP B 183 -41.29 40.47 55.70
CA ASP B 183 -39.92 40.95 55.81
C ASP B 183 -39.37 41.31 54.42
N LEU B 184 -39.46 40.39 53.48
CA LEU B 184 -39.07 40.65 52.09
C LEU B 184 -39.69 41.93 51.57
N PHE B 185 -40.96 42.12 51.88
CA PHE B 185 -41.66 43.33 51.48
C PHE B 185 -41.06 44.53 52.18
N GLN B 187 -37.99 44.86 53.25
CA GLN B 187 -36.68 45.11 52.66
C GLN B 187 -36.85 45.87 51.36
N TYR B 188 -37.75 45.40 50.50
CA TYR B 188 -37.96 45.97 49.18
C TYR B 188 -38.32 47.46 49.26
N ILE B 189 -38.99 47.82 50.34
CA ILE B 189 -39.51 49.16 50.65
C ILE B 189 -38.43 50.09 51.26
N GLU B 190 -37.25 49.51 51.48
CA GLU B 190 -36.01 50.23 51.87
C GLU B 190 -35.45 49.78 53.22
#